data_9D2X
#
_entry.id   9D2X
#
_cell.length_a   36.934
_cell.length_b   42.939
_cell.length_c   62.534
_cell.angle_alpha   79.209
_cell.angle_beta   81.529
_cell.angle_gamma   76.185
#
_symmetry.space_group_name_H-M   'P 1'
#
loop_
_entity.id
_entity.type
_entity.pdbx_description
1 polymer "DNA (5'-D(*AP*AP*TP*AP*AP*AP*AP*GP*GP*AP*AP*GP*TP*GP*GP*G)-3')"
2 polymer "DNA (5'-D(*TP*CP*CP*CP*AP*CP*TP*TP*CP*CP*TP*TP*TP*TP*AP*T)-3')"
3 polymer SpiD
4 non-polymer '4-(2-HYDROXYETHYL)-1-PIPERAZINE ETHANESULFONIC ACID'
5 water water
#
loop_
_entity_poly.entity_id
_entity_poly.type
_entity_poly.pdbx_seq_one_letter_code
_entity_poly.pdbx_strand_id
1 'polydeoxyribonucleotide' (DA)(DA)(DT)(DA)(DA)(DA)(DA)(DG)(DG)(DA)(DA)(DG)(DT)(DG)(DG)(DG) C,A
2 'polydeoxyribonucleotide' (DT)(DC)(DC)(DC)(DA)(DC)(DT)(DT)(DC)(DC)(DT)(DT)(DT)(DT)(DA)(DT) D,B
3 'polypeptide(L)'
;MGVRKKVRLYQFLLELLKNGDMRDCVWWVDREKGTFQFSSKHKEMLAHRWGMQKGNRKKMTYQKMARALRNYGKTGEIRK
IKKKLTYQFDGMLLGQKKSECKTSYMP
;
F,E
#
# COMPACT_ATOMS: atom_id res chain seq x y z
N LYS C 6 -16.76 6.24 11.04
CA LYS C 6 -15.62 5.40 11.42
C LYS C 6 -15.80 3.98 10.85
N VAL C 7 -14.98 3.62 9.87
CA VAL C 7 -15.13 2.33 9.22
C VAL C 7 -14.52 1.27 10.12
N ARG C 8 -15.16 0.11 10.18
CA ARG C 8 -14.66 -1.02 10.95
C ARG C 8 -13.69 -1.85 10.10
N LEU C 9 -12.95 -2.73 10.78
CA LEU C 9 -11.94 -3.52 10.11
C LEU C 9 -12.55 -4.51 9.11
N TYR C 10 -13.67 -5.16 9.48
CA TYR C 10 -14.26 -6.15 8.59
C TYR C 10 -14.85 -5.51 7.33
N GLN C 11 -15.42 -4.32 7.45
CA GLN C 11 -15.97 -3.64 6.28
C GLN C 11 -14.84 -3.17 5.37
N PHE C 12 -13.77 -2.66 5.94
CA PHE C 12 -12.63 -2.24 5.15
C PHE C 12 -12.10 -3.39 4.31
N LEU C 13 -11.96 -4.57 4.91
CA LEU C 13 -11.49 -5.74 4.16
C LEU C 13 -12.50 -6.14 3.11
N LEU C 14 -13.79 -6.14 3.45
CA LEU C 14 -14.81 -6.54 2.48
C LEU C 14 -14.82 -5.58 1.29
N GLU C 15 -14.68 -4.29 1.56
CA GLU C 15 -14.68 -3.31 0.48
C GLU C 15 -13.49 -3.53 -0.45
N LEU C 16 -12.31 -3.79 0.11
CA LEU C 16 -11.15 -4.05 -0.72
C LEU C 16 -11.43 -5.19 -1.69
N LEU C 17 -11.85 -6.35 -1.17
CA LEU C 17 -12.09 -7.49 -2.01
C LEU C 17 -13.23 -7.24 -3.00
N LYS C 18 -14.32 -6.62 -2.54
CA LYS C 18 -15.45 -6.34 -3.44
C LYS C 18 -15.05 -5.40 -4.57
N ASN C 19 -14.08 -4.53 -4.36
CA ASN C 19 -13.68 -3.54 -5.35
C ASN C 19 -12.44 -3.96 -6.13
N GLY C 20 -11.87 -5.11 -5.79
CA GLY C 20 -10.63 -5.58 -6.41
C GLY C 20 -9.44 -4.70 -6.12
N ASP C 21 -9.38 -4.13 -4.92
CA ASP C 21 -8.30 -3.25 -4.53
C ASP C 21 -7.24 -4.08 -3.80
N MET C 22 -5.97 -3.77 -4.05
CA MET C 22 -4.86 -4.47 -3.45
C MET C 22 -4.97 -5.97 -3.69
N ARG C 23 -5.04 -6.34 -4.96
CA ARG C 23 -5.20 -7.74 -5.34
C ARG C 23 -3.96 -8.56 -5.06
N ASP C 24 -2.79 -7.93 -5.01
CA ASP C 24 -1.56 -8.64 -4.69
C ASP C 24 -1.38 -8.87 -3.21
N CYS C 25 -2.19 -8.22 -2.36
CA CYS C 25 -2.10 -8.36 -0.92
C CYS C 25 -3.19 -9.22 -0.34
N VAL C 26 -4.37 -9.21 -0.95
CA VAL C 26 -5.50 -10.01 -0.48
C VAL C 26 -6.34 -10.39 -1.70
N TRP C 27 -6.91 -11.61 -1.69
CA TRP C 27 -7.67 -12.11 -2.79
C TRP C 27 -8.68 -13.13 -2.29
N TRP C 28 -9.81 -13.19 -2.96
CA TRP C 28 -10.79 -14.21 -2.67
C TRP C 28 -10.19 -15.60 -2.94
N VAL C 29 -10.59 -16.57 -2.13
CA VAL C 29 -10.33 -17.97 -2.40
C VAL C 29 -11.59 -18.65 -2.89
N ASP C 30 -12.74 -18.27 -2.36
CA ASP C 30 -14.03 -18.67 -2.90
C ASP C 30 -15.05 -17.59 -2.53
N ARG C 31 -15.39 -16.72 -3.48
CA ARG C 31 -16.31 -15.62 -3.23
C ARG C 31 -17.66 -16.10 -2.73
N GLU C 32 -18.06 -17.33 -3.03
CA GLU C 32 -19.38 -17.80 -2.61
C GLU C 32 -19.37 -18.20 -1.13
N LYS C 33 -18.37 -18.97 -0.71
CA LYS C 33 -18.26 -19.35 0.69
C LYS C 33 -17.79 -18.20 1.57
N GLY C 34 -17.32 -17.09 0.99
CA GLY C 34 -16.83 -15.96 1.74
C GLY C 34 -15.38 -16.05 2.17
N THR C 35 -14.66 -17.10 1.76
CA THR C 35 -13.27 -17.27 2.18
C THR C 35 -12.36 -16.36 1.39
N PHE C 36 -11.36 -15.81 2.06
CA PHE C 36 -10.34 -14.98 1.43
C PHE C 36 -9.00 -15.24 2.08
N GLN C 37 -7.94 -14.81 1.41
CA GLN C 37 -6.60 -15.14 1.84
C GLN C 37 -5.66 -13.96 1.64
N PHE C 38 -4.73 -13.79 2.55
CA PHE C 38 -3.77 -12.71 2.45
C PHE C 38 -2.49 -13.17 1.76
N SER C 39 -1.69 -12.20 1.30
CA SER C 39 -0.45 -12.48 0.59
C SER C 39 0.68 -12.59 1.59
N SER C 40 1.32 -13.77 1.62
CA SER C 40 2.41 -13.97 2.57
C SER C 40 3.49 -12.90 2.39
N LYS C 41 3.72 -12.44 1.18
CA LYS C 41 4.82 -11.53 0.91
C LYS C 41 4.40 -10.07 0.96
N HIS C 42 3.15 -9.75 0.64
CA HIS C 42 2.71 -8.36 0.55
C HIS C 42 1.61 -8.00 1.54
N LYS C 43 1.35 -8.85 2.55
CA LYS C 43 0.27 -8.55 3.49
C LYS C 43 0.56 -7.32 4.34
N GLU C 44 1.83 -7.06 4.65
CA GLU C 44 2.18 -5.95 5.52
C GLU C 44 1.87 -4.60 4.89
N MET C 45 1.79 -4.54 3.57
CA MET C 45 1.44 -3.28 2.92
C MET C 45 -0.05 -3.03 3.00
N LEU C 46 -0.88 -4.08 2.92
CA LEU C 46 -2.30 -3.91 3.18
C LEU C 46 -2.52 -3.53 4.64
N ALA C 47 -1.73 -4.11 5.55
CA ALA C 47 -1.89 -3.79 6.95
C ALA C 47 -1.61 -2.31 7.20
N HIS C 48 -0.58 -1.76 6.55
CA HIS C 48 -0.24 -0.39 6.81
C HIS C 48 -1.36 0.53 6.37
N ARG C 49 -1.97 0.26 5.22
CA ARG C 49 -3.10 1.08 4.78
C ARG C 49 -4.14 1.18 5.89
N TRP C 50 -4.49 0.04 6.46
CA TRP C 50 -5.48 0.03 7.54
C TRP C 50 -5.07 0.94 8.69
N GLY C 51 -3.82 0.97 9.02
CA GLY C 51 -3.37 1.84 10.10
C GLY C 51 -3.51 3.30 9.78
N MET C 52 -3.41 3.66 8.50
CA MET C 52 -3.57 5.06 8.10
C MET C 52 -5.03 5.49 8.15
N GLN C 53 -5.93 4.66 7.64
CA GLN C 53 -7.35 5.03 7.69
C GLN C 53 -7.80 5.30 9.11
N LYS C 54 -7.22 4.61 10.09
CA LYS C 54 -7.55 4.81 11.49
C LYS C 54 -6.69 5.87 12.14
N GLY C 55 -5.62 6.28 11.51
CA GLY C 55 -4.71 7.27 12.07
C GLY C 55 -4.12 6.87 13.41
N ASN C 56 -3.65 5.63 13.52
CA ASN C 56 -3.02 5.19 14.75
C ASN C 56 -1.66 5.84 14.91
N ARG C 57 -1.18 5.85 16.15
CA ARG C 57 0.13 6.45 16.42
C ARG C 57 1.27 5.59 15.89
N LYS C 58 1.25 4.28 16.15
CA LYS C 58 2.27 3.37 15.66
C LYS C 58 1.88 2.79 14.32
N LYS C 59 2.86 2.19 13.64
CA LYS C 59 2.63 1.59 12.34
C LYS C 59 1.87 0.28 12.49
N MET C 60 0.82 0.12 11.69
CA MET C 60 0.01 -1.09 11.75
C MET C 60 0.73 -2.25 11.08
N THR C 61 0.74 -3.41 11.74
CA THR C 61 1.34 -4.62 11.22
C THR C 61 0.27 -5.69 11.08
N TYR C 62 0.57 -6.69 10.22
CA TYR C 62 -0.36 -7.77 10.03
C TYR C 62 -0.61 -8.51 11.35
N GLN C 63 0.42 -8.65 12.17
CA GLN C 63 0.24 -9.33 13.45
C GLN C 63 -0.78 -8.60 14.31
N LYS C 64 -0.75 -7.27 14.27
CA LYS C 64 -1.70 -6.48 15.05
C LYS C 64 -3.07 -6.51 14.41
N MET C 65 -3.12 -6.44 13.07
CA MET C 65 -4.41 -6.59 12.40
C MET C 65 -5.02 -7.97 12.66
N ALA C 66 -4.16 -9.02 12.65
CA ALA C 66 -4.66 -10.35 12.95
C ALA C 66 -5.15 -10.46 14.39
N ARG C 67 -4.50 -9.77 15.34
CA ARG C 67 -4.97 -9.75 16.72
C ARG C 67 -6.39 -9.15 16.81
N ALA C 68 -6.68 -8.13 16.02
CA ALA C 68 -8.01 -7.56 15.98
C ALA C 68 -9.02 -8.49 15.33
N LEU C 69 -8.61 -9.22 14.28
CA LEU C 69 -9.57 -10.11 13.61
C LEU C 69 -10.04 -11.22 14.54
N ARG C 70 -9.13 -11.77 15.36
CA ARG C 70 -9.49 -12.86 16.26
C ARG C 70 -10.55 -12.47 17.29
N ASN C 71 -10.76 -11.17 17.51
CA ASN C 71 -11.76 -10.72 18.48
C ASN C 71 -13.18 -10.98 17.99
N TYR C 72 -13.39 -10.96 16.66
CA TYR C 72 -14.75 -11.15 16.15
C TYR C 72 -15.36 -12.48 16.60
N GLY C 73 -14.52 -13.50 16.81
CA GLY C 73 -15.01 -14.78 17.28
C GLY C 73 -15.33 -15.75 16.15
N LYS C 74 -15.69 -16.97 16.58
CA LYS C 74 -15.93 -18.07 15.64
C LYS C 74 -17.27 -17.99 14.95
N THR C 75 -18.18 -17.14 15.41
CA THR C 75 -19.45 -16.91 14.75
C THR C 75 -19.65 -15.43 14.39
N GLY C 76 -18.58 -14.63 14.41
CA GLY C 76 -18.67 -13.22 14.17
C GLY C 76 -18.41 -12.83 12.74
N GLU C 77 -18.19 -11.52 12.56
CA GLU C 77 -18.04 -10.92 11.24
C GLU C 77 -17.02 -11.67 10.38
N ILE C 78 -15.80 -11.81 10.88
CA ILE C 78 -14.73 -12.53 10.20
C ILE C 78 -14.21 -13.63 11.11
N ARG C 79 -14.00 -14.79 10.54
CA ARG C 79 -13.55 -15.98 11.26
C ARG C 79 -12.27 -16.55 10.65
N LYS C 80 -11.48 -17.20 11.46
CA LYS C 80 -10.26 -17.85 11.01
C LYS C 80 -10.58 -19.25 10.47
N ILE C 81 -9.97 -19.59 9.34
CA ILE C 81 -10.05 -20.91 8.75
C ILE C 81 -8.69 -21.57 8.93
N LYS C 82 -8.70 -22.87 9.20
CA LYS C 82 -7.43 -23.59 9.43
C LYS C 82 -6.66 -23.75 8.12
N LYS C 83 -6.24 -22.65 7.53
CA LYS C 83 -5.43 -22.64 6.33
C LYS C 83 -4.60 -21.36 6.40
N LYS C 84 -3.36 -21.42 5.90
CA LYS C 84 -2.43 -20.34 6.05
C LYS C 84 -3.04 -19.05 5.53
N LEU C 85 -3.11 -18.06 6.40
CA LEU C 85 -3.50 -16.68 6.05
C LEU C 85 -4.93 -16.60 5.50
N THR C 86 -5.78 -17.57 5.84
CA THR C 86 -7.10 -17.70 5.25
C THR C 86 -8.14 -17.40 6.31
N TYR C 87 -9.12 -16.58 5.94
CA TYR C 87 -10.22 -16.17 6.79
C TYR C 87 -11.52 -16.34 6.01
N GLN C 88 -12.63 -15.95 6.63
CA GLN C 88 -13.95 -16.12 6.00
C GLN C 88 -14.93 -15.13 6.59
N PHE C 89 -15.66 -14.44 5.72
CA PHE C 89 -16.71 -13.54 6.14
C PHE C 89 -17.95 -14.34 6.57
N ASP C 90 -18.86 -13.66 7.26
CA ASP C 90 -20.14 -14.23 7.64
C ASP C 90 -21.10 -14.15 6.46
N GLY C 91 -22.33 -14.65 6.64
CA GLY C 91 -23.33 -14.60 5.60
C GLY C 91 -23.78 -13.20 5.21
N MET C 92 -23.08 -12.18 5.70
CA MET C 92 -23.34 -10.78 5.31
C MET C 92 -22.54 -10.42 4.03
N LEU C 93 -22.79 -11.20 2.98
CA LEU C 93 -22.08 -11.00 1.72
C LEU C 93 -23.00 -10.54 0.61
N LYS F 6 -0.93 17.28 4.19
CA LYS F 6 -0.66 17.61 2.79
C LYS F 6 0.84 17.84 2.58
N VAL F 7 1.44 16.97 1.78
CA VAL F 7 2.87 17.00 1.48
C VAL F 7 3.06 16.99 -0.03
N ARG F 8 4.20 17.53 -0.47
CA ARG F 8 4.51 17.56 -1.89
C ARG F 8 5.01 16.18 -2.34
N LEU F 9 5.05 15.98 -3.66
CA LEU F 9 5.34 14.65 -4.19
C LEU F 9 6.76 14.21 -3.86
N TYR F 10 7.73 15.11 -4.00
CA TYR F 10 9.12 14.71 -3.72
C TYR F 10 9.31 14.39 -2.24
N GLN F 11 8.63 15.15 -1.37
CA GLN F 11 8.73 14.89 0.07
C GLN F 11 8.07 13.57 0.42
N PHE F 12 6.92 13.31 -0.18
CA PHE F 12 6.23 12.03 0.05
C PHE F 12 7.13 10.84 -0.28
N LEU F 13 7.82 10.89 -1.45
CA LEU F 13 8.73 9.81 -1.83
C LEU F 13 9.92 9.74 -0.90
N LEU F 14 10.50 10.89 -0.53
CA LEU F 14 11.65 10.89 0.35
C LEU F 14 11.30 10.29 1.72
N GLU F 15 10.13 10.63 2.27
CA GLU F 15 9.76 10.10 3.58
C GLU F 15 9.60 8.59 3.54
N LEU F 16 8.96 8.06 2.49
CA LEU F 16 8.80 6.61 2.36
C LEU F 16 10.15 5.90 2.39
N LEU F 17 11.09 6.35 1.55
CA LEU F 17 12.40 5.70 1.48
C LEU F 17 13.13 5.78 2.81
N LYS F 18 13.10 6.94 3.46
CA LYS F 18 13.77 7.09 4.75
C LYS F 18 13.18 6.15 5.79
N ASN F 19 11.89 5.80 5.67
CA ASN F 19 11.20 5.03 6.69
C ASN F 19 11.10 3.54 6.37
N GLY F 20 11.54 3.10 5.19
CA GLY F 20 11.35 1.69 4.87
C GLY F 20 9.89 1.32 4.83
N ASP F 21 9.06 2.16 4.22
CA ASP F 21 7.61 2.00 4.28
C ASP F 21 7.05 1.14 3.16
N MET F 22 7.67 1.15 1.98
CA MET F 22 7.21 0.35 0.85
C MET F 22 8.43 -0.17 0.08
N ARG F 23 9.23 -0.99 0.75
CA ARG F 23 10.44 -1.51 0.14
C ARG F 23 10.15 -2.41 -1.04
N ASP F 24 8.94 -2.99 -1.11
CA ASP F 24 8.55 -3.82 -2.24
C ASP F 24 8.09 -3.00 -3.44
N CYS F 25 7.79 -1.72 -3.26
CA CYS F 25 7.41 -0.83 -4.35
C CYS F 25 8.52 0.14 -4.78
N VAL F 26 9.37 0.58 -3.84
CA VAL F 26 10.44 1.52 -4.12
C VAL F 26 11.60 1.24 -3.17
N TRP F 27 12.83 1.38 -3.67
CA TRP F 27 14.00 1.07 -2.89
C TRP F 27 15.17 1.94 -3.35
N TRP F 28 16.07 2.26 -2.40
CA TRP F 28 17.29 2.97 -2.74
C TRP F 28 18.12 2.14 -3.70
N VAL F 29 18.74 2.80 -4.67
CA VAL F 29 19.79 2.22 -5.46
C VAL F 29 21.18 2.67 -5.04
N ASP F 30 21.27 3.91 -4.57
CA ASP F 30 22.48 4.42 -3.97
C ASP F 30 22.08 5.53 -3.00
N ARG F 31 22.06 5.20 -1.70
CA ARG F 31 21.62 6.16 -0.68
C ARG F 31 22.46 7.43 -0.71
N GLU F 32 23.70 7.35 -1.17
CA GLU F 32 24.57 8.52 -1.14
C GLU F 32 24.31 9.44 -2.32
N LYS F 33 24.25 8.89 -3.55
CA LYS F 33 23.97 9.69 -4.73
C LYS F 33 22.50 10.09 -4.84
N GLY F 34 21.62 9.51 -4.04
CA GLY F 34 20.21 9.84 -4.07
C GLY F 34 19.39 9.10 -5.10
N THR F 35 19.98 8.14 -5.83
CA THR F 35 19.26 7.41 -6.87
C THR F 35 18.35 6.36 -6.24
N PHE F 36 17.14 6.23 -6.79
CA PHE F 36 16.19 5.24 -6.34
C PHE F 36 15.43 4.66 -7.55
N GLN F 37 14.78 3.52 -7.33
CA GLN F 37 14.12 2.80 -8.41
C GLN F 37 12.79 2.25 -7.95
N PHE F 38 11.81 2.26 -8.85
CA PHE F 38 10.47 1.76 -8.56
C PHE F 38 10.34 0.30 -9.01
N SER F 39 9.32 -0.37 -8.47
CA SER F 39 9.06 -1.77 -8.78
C SER F 39 8.19 -1.88 -10.02
N SER F 40 8.72 -2.48 -11.08
CA SER F 40 7.96 -2.63 -12.31
C SER F 40 6.62 -3.33 -12.08
N LYS F 41 6.57 -4.26 -11.13
CA LYS F 41 5.37 -5.06 -10.93
C LYS F 41 4.43 -4.48 -9.89
N HIS F 42 4.96 -3.73 -8.92
CA HIS F 42 4.15 -3.22 -7.81
C HIS F 42 4.11 -1.69 -7.75
N LYS F 43 4.51 -1.00 -8.82
CA LYS F 43 4.55 0.45 -8.77
C LYS F 43 3.15 1.06 -8.70
N GLU F 44 2.16 0.40 -9.30
CA GLU F 44 0.81 0.97 -9.32
C GLU F 44 0.22 1.07 -7.92
N MET F 45 0.69 0.27 -6.97
CA MET F 45 0.18 0.32 -5.61
C MET F 45 0.78 1.48 -4.84
N LEU F 46 2.05 1.79 -5.09
CA LEU F 46 2.64 3.01 -4.53
C LEU F 46 1.94 4.24 -5.07
N ALA F 47 1.58 4.22 -6.34
CA ALA F 47 0.86 5.35 -6.93
C ALA F 47 -0.48 5.59 -6.23
N HIS F 48 -1.18 4.51 -5.87
CA HIS F 48 -2.50 4.67 -5.28
C HIS F 48 -2.44 5.46 -3.99
N ARG F 49 -1.50 5.11 -3.10
CA ARG F 49 -1.40 5.82 -1.83
C ARG F 49 -1.18 7.32 -2.05
N TRP F 50 -0.27 7.66 -2.95
CA TRP F 50 -0.07 9.08 -3.24
C TRP F 50 -1.40 9.75 -3.59
N GLY F 51 -2.25 9.04 -4.34
CA GLY F 51 -3.56 9.57 -4.67
C GLY F 51 -4.46 9.66 -3.46
N MET F 52 -4.25 8.81 -2.46
CA MET F 52 -5.08 8.84 -1.27
C MET F 52 -4.72 10.03 -0.38
N GLN F 53 -3.43 10.26 -0.17
CA GLN F 53 -3.02 11.40 0.63
C GLN F 53 -3.52 12.70 0.03
N LYS F 54 -3.62 12.76 -1.30
CA LYS F 54 -4.07 13.97 -1.99
C LYS F 54 -5.58 14.01 -2.19
N GLY F 55 -6.27 12.88 -2.05
CA GLY F 55 -7.71 12.85 -2.23
C GLY F 55 -8.16 13.32 -3.60
N ASN F 56 -7.52 12.79 -4.65
CA ASN F 56 -7.89 13.14 -6.01
C ASN F 56 -9.22 12.50 -6.37
N ARG F 57 -9.82 13.04 -7.42
CA ARG F 57 -11.10 12.49 -7.87
C ARG F 57 -10.91 11.12 -8.56
N LYS F 58 -9.97 11.04 -9.50
CA LYS F 58 -9.69 9.78 -10.17
C LYS F 58 -8.58 9.05 -9.43
N LYS F 59 -8.44 7.76 -9.75
CA LYS F 59 -7.44 6.92 -9.08
C LYS F 59 -6.05 7.27 -9.64
N MET F 60 -5.10 7.47 -8.76
CA MET F 60 -3.75 7.83 -9.17
C MET F 60 -3.07 6.60 -9.80
N THR F 61 -2.41 6.83 -10.93
CA THR F 61 -1.61 5.83 -11.61
C THR F 61 -0.17 6.27 -11.68
N TYR F 62 0.73 5.30 -11.88
CA TYR F 62 2.14 5.64 -12.01
C TYR F 62 2.39 6.58 -13.17
N GLN F 63 1.64 6.43 -14.26
CA GLN F 63 1.79 7.32 -15.40
C GLN F 63 1.52 8.76 -15.00
N LYS F 64 0.50 8.98 -14.18
CA LYS F 64 0.20 10.35 -13.72
C LYS F 64 1.20 10.80 -12.70
N MET F 65 1.61 9.92 -11.80
CA MET F 65 2.68 10.26 -10.86
C MET F 65 3.98 10.59 -11.60
N ALA F 66 4.31 9.79 -12.67
CA ALA F 66 5.51 10.07 -13.44
C ALA F 66 5.41 11.40 -14.16
N ARG F 67 4.21 11.75 -14.65
CA ARG F 67 4.00 13.05 -15.27
C ARG F 67 4.28 14.20 -14.29
N ALA F 68 3.93 14.01 -13.02
CA ALA F 68 4.24 15.01 -12.03
C ALA F 68 5.72 15.05 -11.73
N LEU F 69 6.37 13.89 -11.72
CA LEU F 69 7.79 13.83 -11.43
C LEU F 69 8.60 14.56 -12.49
N ARG F 70 8.18 14.46 -13.75
CA ARG F 70 8.96 15.10 -14.81
C ARG F 70 8.97 16.63 -14.70
N ASN F 71 8.04 17.21 -13.95
CA ASN F 71 8.07 18.67 -13.78
C ASN F 71 9.26 19.10 -12.91
N TYR F 72 9.67 18.28 -11.95
CA TYR F 72 10.80 18.61 -11.11
C TYR F 72 12.10 18.73 -11.92
N GLY F 73 12.20 18.00 -13.02
CA GLY F 73 13.38 18.00 -13.84
C GLY F 73 13.96 19.35 -14.14
N LYS F 74 13.10 20.31 -14.44
CA LYS F 74 13.56 21.64 -14.81
C LYS F 74 14.00 22.47 -13.59
N THR F 75 13.79 21.97 -12.37
CA THR F 75 14.19 22.66 -11.17
C THR F 75 15.29 21.91 -10.42
N GLY F 76 15.08 20.63 -10.09
CA GLY F 76 16.13 19.88 -9.43
C GLY F 76 15.72 18.91 -8.35
N GLU F 77 14.54 19.09 -7.74
CA GLU F 77 14.17 18.25 -6.60
C GLU F 77 14.40 16.77 -6.93
N ILE F 78 13.73 16.27 -7.97
CA ILE F 78 13.91 14.90 -8.44
C ILE F 78 14.18 15.00 -9.94
N ARG F 79 15.18 14.26 -10.42
CA ARG F 79 15.53 14.28 -11.83
C ARG F 79 15.58 12.85 -12.34
N LYS F 80 15.33 12.71 -13.64
CA LYS F 80 15.32 11.40 -14.28
C LYS F 80 16.72 10.97 -14.64
N ILE F 81 17.01 9.68 -14.39
CA ILE F 81 18.25 9.05 -14.81
C ILE F 81 17.91 8.07 -15.92
N LYS F 82 18.78 7.98 -16.93
CA LYS F 82 18.54 7.14 -18.11
C LYS F 82 18.64 5.67 -17.77
N LYS F 83 17.72 5.18 -16.92
CA LYS F 83 17.60 3.76 -16.61
C LYS F 83 16.15 3.52 -16.21
N LYS F 84 15.62 2.36 -16.58
CA LYS F 84 14.20 2.11 -16.42
C LYS F 84 13.78 2.33 -14.97
N LEU F 85 12.78 3.18 -14.77
CA LEU F 85 12.17 3.44 -13.47
C LEU F 85 13.15 4.07 -12.47
N THR F 86 14.20 4.70 -12.95
CA THR F 86 15.27 5.20 -12.09
C THR F 86 15.22 6.72 -12.06
N TYR F 87 15.25 7.29 -10.85
CA TYR F 87 15.25 8.73 -10.61
C TYR F 87 16.34 9.07 -9.62
N GLN F 88 16.46 10.35 -9.29
CA GLN F 88 17.49 10.81 -8.37
C GLN F 88 17.06 12.10 -7.68
N PHE F 89 17.20 12.13 -6.35
CA PHE F 89 16.94 13.33 -5.59
C PHE F 89 18.07 14.34 -5.77
N ASP F 90 17.81 15.58 -5.34
CA ASP F 90 18.84 16.61 -5.33
C ASP F 90 19.71 16.45 -4.09
N GLY F 91 20.71 17.33 -3.96
CA GLY F 91 21.62 17.36 -2.83
C GLY F 91 21.00 17.72 -1.49
N MET F 92 19.68 17.44 -1.33
CA MET F 92 19.01 17.73 -0.06
C MET F 92 19.21 16.61 0.98
N LEU F 93 19.06 15.34 0.58
CA LEU F 93 19.21 14.23 1.54
C LEU F 93 20.33 14.44 2.56
#